data_4B5V
#
_entry.id   4B5V
#
_cell.length_a   151.740
_cell.length_b   151.740
_cell.length_c   151.740
_cell.angle_alpha   90.00
_cell.angle_beta   90.00
_cell.angle_gamma   90.00
#
_symmetry.space_group_name_H-M   'P 21 3'
#
loop_
_entity.id
_entity.type
_entity.pdbx_description
1 polymer '4-HYDROXY-2-OXO-HEPTANE-1,7-DIOATE ALDOLASE'
2 non-polymer 'PYRUVIC ACID'
3 non-polymer '(4R)-4-oxidanyl-2-oxidanylidene-heptanedioic acid'
4 non-polymer GLYCEROL
5 non-polymer 'MAGNESIUM ION'
6 water water
#
_entity_poly.entity_id   1
_entity_poly.type   'polypeptide(L)'
_entity_poly.pdbx_seq_one_letter_code
;MENSFKAALKAGRPQIGLWLGLSSSYSAELLAGAGFDWLLIDGEHAPNNVQTVLTQLQAIAPYPSQPVVRPSWNDPVQIK
QLLDVGTQTLLVPMVQNADEAREAVRATRYPPAGIRGVGSALARASRWNRIPDYLQKANDQMCVLVQIETREAMKNLPQI
LDVEGVDGVFIGPADLSADMGYAGNPQHPEVQAAIEQAIVQIRESGKAPGILIANEQLAKRYLELGALFVAVGVDTTLLA
RAAEALAARFG
;
_entity_poly.pdbx_strand_id   A,B
#
# COMPACT_ATOMS: atom_id res chain seq x y z
N MET A 1 -0.23 -28.61 -8.60
CA MET A 1 -1.40 -27.96 -7.93
C MET A 1 -1.51 -28.40 -6.47
N GLU A 2 -0.43 -28.91 -5.92
CA GLU A 2 -0.42 -29.37 -4.54
C GLU A 2 -0.55 -28.17 -3.60
N ASN A 3 -1.40 -28.30 -2.59
CA ASN A 3 -1.59 -27.23 -1.61
C ASN A 3 -0.56 -27.34 -0.49
N SER A 4 0.50 -26.54 -0.58
CA SER A 4 1.62 -26.64 0.36
C SER A 4 1.27 -26.08 1.74
N PHE A 5 0.35 -25.12 1.79
CA PHE A 5 -0.11 -24.57 3.05
C PHE A 5 -0.87 -25.65 3.82
N LYS A 6 -1.75 -26.34 3.11
CA LYS A 6 -2.52 -27.44 3.70
C LYS A 6 -1.60 -28.54 4.23
N ALA A 7 -0.61 -28.92 3.44
CA ALA A 7 0.35 -29.95 3.83
C ALA A 7 1.10 -29.54 5.08
N ALA A 8 1.48 -28.27 5.15
CA ALA A 8 2.22 -27.75 6.30
C ALA A 8 1.39 -27.80 7.58
N LEU A 9 0.11 -27.42 7.50
CA LEU A 9 -0.77 -27.49 8.67
C LEU A 9 -0.88 -28.94 9.14
N LYS A 10 -1.06 -29.84 8.19
CA LYS A 10 -1.23 -31.26 8.50
C LYS A 10 0.02 -31.84 9.15
N ALA A 11 1.18 -31.29 8.82
CA ALA A 11 2.44 -31.77 9.36
C ALA A 11 2.81 -31.04 10.66
N GLY A 12 1.97 -30.12 11.07
CA GLY A 12 2.18 -29.39 12.32
C GLY A 12 3.26 -28.31 12.26
N ARG A 13 3.58 -27.83 11.06
CA ARG A 13 4.54 -26.73 10.93
C ARG A 13 3.80 -25.40 11.02
N PRO A 14 4.14 -24.57 12.01
CA PRO A 14 3.44 -23.28 12.16
C PRO A 14 3.67 -22.37 10.96
N GLN A 15 2.61 -21.68 10.54
CA GLN A 15 2.66 -20.79 9.39
C GLN A 15 2.42 -19.36 9.83
N ILE A 16 3.38 -18.48 9.58
CA ILE A 16 3.27 -17.08 9.95
C ILE A 16 2.70 -16.29 8.78
N GLY A 17 1.69 -15.47 9.05
CA GLY A 17 0.95 -14.80 7.98
C GLY A 17 0.82 -13.29 8.10
N LEU A 18 0.45 -12.66 6.99
CA LEU A 18 0.13 -11.24 6.97
C LEU A 18 -1.22 -11.04 6.30
N TRP A 19 -2.02 -10.14 6.87
CA TRP A 19 -3.35 -9.84 6.36
C TRP A 19 -3.25 -8.79 5.27
N LEU A 20 -3.92 -9.02 4.15
CA LEU A 20 -3.90 -8.07 3.03
C LEU A 20 -5.25 -7.39 2.86
N GLY A 21 -5.31 -6.11 3.22
CA GLY A 21 -6.50 -5.32 3.01
C GLY A 21 -6.32 -4.13 2.07
N LEU A 22 -5.13 -3.97 1.51
CA LEU A 22 -4.89 -2.85 0.59
C LEU A 22 -5.55 -3.05 -0.79
N SER A 23 -6.01 -4.27 -1.04
CA SER A 23 -6.82 -4.56 -2.23
C SER A 23 -6.13 -4.15 -3.52
N SER A 24 -4.84 -4.41 -3.61
CA SER A 24 -4.03 -4.01 -4.75
C SER A 24 -3.11 -5.14 -5.17
N SER A 25 -3.09 -5.46 -6.45
CA SER A 25 -2.20 -6.49 -6.97
C SER A 25 -0.74 -6.03 -6.87
N TYR A 26 -0.55 -4.71 -6.81
CA TYR A 26 0.78 -4.14 -6.77
C TYR A 26 1.41 -4.28 -5.39
N SER A 27 0.71 -3.81 -4.36
CA SER A 27 1.21 -3.97 -3.00
C SER A 27 1.22 -5.45 -2.59
N ALA A 28 0.32 -6.23 -3.18
CA ALA A 28 0.32 -7.67 -2.91
C ALA A 28 1.65 -8.31 -3.35
N GLU A 29 2.17 -7.94 -4.51
CA GLU A 29 3.45 -8.48 -4.95
C GLU A 29 4.57 -8.04 -4.01
N LEU A 30 4.59 -6.75 -3.71
CA LEU A 30 5.58 -6.18 -2.81
C LEU A 30 5.65 -6.97 -1.51
N LEU A 31 4.49 -7.29 -0.94
CA LEU A 31 4.44 -8.00 0.33
C LEU A 31 4.69 -9.51 0.17
N ALA A 32 4.43 -10.05 -1.02
CA ALA A 32 4.65 -11.47 -1.27
C ALA A 32 6.13 -11.84 -1.19
N GLY A 33 7.01 -10.84 -1.31
CA GLY A 33 8.44 -11.06 -1.22
C GLY A 33 9.02 -10.76 0.15
N ALA A 34 8.15 -10.54 1.13
CA ALA A 34 8.61 -10.12 2.46
C ALA A 34 8.94 -11.27 3.41
N GLY A 35 8.63 -12.50 3.01
CA GLY A 35 9.05 -13.68 3.77
C GLY A 35 7.99 -14.36 4.60
N PHE A 36 6.72 -13.99 4.43
CA PHE A 36 5.65 -14.66 5.16
C PHE A 36 5.32 -16.01 4.57
N ASP A 37 4.85 -16.92 5.41
CA ASP A 37 4.42 -18.24 4.96
C ASP A 37 3.08 -18.19 4.24
N TRP A 38 2.20 -17.29 4.67
CA TRP A 38 0.91 -17.12 4.01
C TRP A 38 0.44 -15.66 4.02
N LEU A 39 -0.47 -15.37 3.11
CA LEU A 39 -1.04 -14.03 2.97
C LEU A 39 -2.55 -14.19 2.87
N LEU A 40 -3.29 -13.37 3.63
CA LEU A 40 -4.74 -13.44 3.63
C LEU A 40 -5.34 -12.33 2.77
N ILE A 41 -5.93 -12.70 1.64
CA ILE A 41 -6.62 -11.74 0.79
C ILE A 41 -8.05 -11.62 1.29
N ASP A 42 -8.35 -10.47 1.88
CA ASP A 42 -9.59 -10.31 2.63
C ASP A 42 -10.74 -9.80 1.75
N GLY A 43 -11.68 -10.68 1.46
CA GLY A 43 -12.86 -10.31 0.69
C GLY A 43 -14.04 -9.92 1.54
N GLU A 44 -13.88 -9.94 2.87
CA GLU A 44 -14.98 -9.59 3.77
C GLU A 44 -14.89 -8.15 4.26
N HIS A 45 -13.71 -7.71 4.66
CA HIS A 45 -13.56 -6.41 5.31
C HIS A 45 -12.67 -5.44 4.54
N ALA A 46 -12.27 -5.82 3.34
CA ALA A 46 -11.56 -4.92 2.43
C ALA A 46 -12.32 -4.89 1.12
N PRO A 47 -12.16 -3.81 0.33
CA PRO A 47 -12.92 -3.69 -0.92
C PRO A 47 -12.40 -4.60 -2.03
N ASN A 48 -12.52 -5.92 -1.86
CA ASN A 48 -12.16 -6.87 -2.89
C ASN A 48 -13.37 -7.55 -3.51
N ASN A 49 -13.18 -8.09 -4.72
CA ASN A 49 -14.16 -9.00 -5.32
C ASN A 49 -13.42 -10.13 -6.04
N VAL A 50 -14.15 -10.99 -6.73
CA VAL A 50 -13.53 -12.12 -7.40
C VAL A 50 -12.42 -11.65 -8.34
N GLN A 51 -12.66 -10.53 -9.01
CA GLN A 51 -11.70 -9.99 -9.98
C GLN A 51 -10.38 -9.52 -9.35
N THR A 52 -10.46 -8.77 -8.24
CA THR A 52 -9.24 -8.30 -7.59
C THR A 52 -8.54 -9.44 -6.85
N VAL A 53 -9.29 -10.42 -6.38
CA VAL A 53 -8.67 -11.62 -5.81
C VAL A 53 -7.80 -12.27 -6.88
N LEU A 54 -8.38 -12.44 -8.07
CA LEU A 54 -7.66 -13.04 -9.19
C LEU A 54 -6.33 -12.34 -9.45
N THR A 55 -6.32 -11.02 -9.52
CA THR A 55 -5.09 -10.30 -9.84
C THR A 55 -4.08 -10.39 -8.71
N GLN A 56 -4.56 -10.49 -7.48
CA GLN A 56 -3.66 -10.65 -6.33
C GLN A 56 -3.04 -12.06 -6.31
N LEU A 57 -3.82 -13.05 -6.71
CA LEU A 57 -3.30 -14.41 -6.83
C LEU A 57 -2.21 -14.46 -7.90
N GLN A 58 -2.44 -13.78 -9.02
CA GLN A 58 -1.45 -13.76 -10.11
C GLN A 58 -0.17 -13.08 -9.66
N ALA A 59 -0.30 -12.01 -8.89
CA ALA A 59 0.86 -11.27 -8.40
C ALA A 59 1.69 -12.11 -7.42
N ILE A 60 0.99 -12.86 -6.57
CA ILE A 60 1.63 -13.65 -5.51
C ILE A 60 2.26 -14.95 -6.04
N ALA A 61 1.73 -15.46 -7.14
CA ALA A 61 2.03 -16.82 -7.61
C ALA A 61 3.51 -17.23 -7.63
N PRO A 62 4.41 -16.36 -8.13
CA PRO A 62 5.81 -16.80 -8.25
C PRO A 62 6.58 -16.80 -6.93
N TYR A 63 5.97 -16.26 -5.87
CA TYR A 63 6.63 -16.17 -4.58
C TYR A 63 6.30 -17.37 -3.71
N PRO A 64 7.13 -17.61 -2.67
CA PRO A 64 6.93 -18.75 -1.76
C PRO A 64 5.67 -18.62 -0.90
N SER A 65 5.30 -17.39 -0.58
CA SER A 65 4.14 -17.13 0.28
C SER A 65 2.87 -17.70 -0.33
N GLN A 66 2.09 -18.40 0.48
CA GLN A 66 0.88 -19.06 -0.02
C GLN A 66 -0.36 -18.23 0.26
N PRO A 67 -1.22 -18.07 -0.76
CA PRO A 67 -2.41 -17.23 -0.60
C PRO A 67 -3.57 -17.96 0.08
N VAL A 68 -4.25 -17.24 0.96
CA VAL A 68 -5.49 -17.71 1.57
C VAL A 68 -6.52 -16.62 1.30
N VAL A 69 -7.74 -17.03 0.94
CA VAL A 69 -8.78 -16.06 0.60
C VAL A 69 -9.96 -16.15 1.55
N ARG A 70 -10.40 -14.99 2.03
CA ARG A 70 -11.61 -14.92 2.83
C ARG A 70 -12.78 -14.34 2.03
N PRO A 71 -13.81 -15.17 1.74
CA PRO A 71 -15.02 -14.66 1.10
C PRO A 71 -15.81 -13.77 2.06
N SER A 72 -16.76 -13.01 1.56
CA SER A 72 -17.50 -12.08 2.42
C SER A 72 -18.44 -12.83 3.35
N TRP A 73 -18.80 -14.05 2.98
CA TRP A 73 -19.69 -14.89 3.78
CA TRP A 73 -19.55 -14.93 3.87
C TRP A 73 -19.55 -16.35 3.35
N ASN A 74 -20.12 -17.25 4.14
CA ASN A 74 -20.18 -18.66 3.80
C ASN A 74 -21.19 -18.87 2.67
N ASP A 75 -20.82 -18.41 1.48
CA ASP A 75 -21.73 -18.42 0.33
C ASP A 75 -21.21 -19.37 -0.74
N PRO A 76 -21.98 -20.43 -1.03
CA PRO A 76 -21.49 -21.43 -1.99
C PRO A 76 -21.23 -20.86 -3.38
N VAL A 77 -22.04 -19.90 -3.81
CA VAL A 77 -21.87 -19.29 -5.13
C VAL A 77 -20.54 -18.55 -5.20
N GLN A 78 -20.33 -17.65 -4.23
CA GLN A 78 -19.08 -16.91 -4.15
C GLN A 78 -17.88 -17.84 -4.00
N ILE A 79 -18.04 -18.89 -3.19
CA ILE A 79 -16.96 -19.86 -3.02
C ILE A 79 -16.62 -20.52 -4.35
N LYS A 80 -17.64 -20.93 -5.08
CA LYS A 80 -17.47 -21.50 -6.42
C LYS A 80 -16.63 -20.59 -7.31
N GLN A 81 -16.97 -19.31 -7.35
CA GLN A 81 -16.26 -18.36 -8.21
C GLN A 81 -14.81 -18.17 -7.78
N LEU A 82 -14.58 -18.10 -6.48
CA LEU A 82 -13.22 -17.94 -5.95
C LEU A 82 -12.34 -19.16 -6.27
N LEU A 83 -12.93 -20.35 -6.19
CA LEU A 83 -12.19 -21.57 -6.52
C LEU A 83 -11.79 -21.61 -7.99
N ASP A 84 -12.71 -21.20 -8.86
CA ASP A 84 -12.44 -21.26 -10.29
C ASP A 84 -11.33 -20.30 -10.73
N VAL A 85 -11.15 -19.17 -10.05
CA VAL A 85 -10.02 -18.30 -10.39
C VAL A 85 -8.71 -18.79 -9.74
N GLY A 86 -8.79 -19.90 -9.00
CA GLY A 86 -7.59 -20.56 -8.51
C GLY A 86 -7.41 -20.64 -7.00
N THR A 87 -8.42 -20.21 -6.24
CA THR A 87 -8.32 -20.26 -4.78
C THR A 87 -8.35 -21.71 -4.28
N GLN A 88 -7.35 -22.09 -3.50
CA GLN A 88 -7.30 -23.44 -2.91
C GLN A 88 -7.46 -23.46 -1.39
N THR A 89 -7.18 -22.34 -0.74
CA THR A 89 -7.34 -22.25 0.71
C THR A 89 -8.28 -21.10 1.08
N LEU A 90 -9.37 -21.44 1.76
CA LEU A 90 -10.41 -20.50 2.13
C LEU A 90 -10.51 -20.28 3.64
N LEU A 91 -10.73 -19.04 4.04
CA LEU A 91 -11.03 -18.72 5.43
C LEU A 91 -12.48 -18.21 5.50
N VAL A 92 -13.38 -19.04 6.00
CA VAL A 92 -14.81 -18.76 5.94
C VAL A 92 -15.34 -18.12 7.23
N PRO A 93 -15.86 -16.89 7.13
CA PRO A 93 -16.31 -16.17 8.33
C PRO A 93 -17.63 -16.65 8.91
N MET A 94 -17.84 -16.38 10.19
CA MET A 94 -19.13 -16.60 10.85
C MET A 94 -19.68 -18.00 10.69
N VAL A 95 -18.85 -19.01 10.95
CA VAL A 95 -19.32 -20.39 10.97
C VAL A 95 -19.78 -20.71 12.39
N GLN A 96 -21.08 -20.92 12.54
CA GLN A 96 -21.72 -20.96 13.85
C GLN A 96 -21.92 -22.38 14.38
N ASN A 97 -21.98 -23.35 13.48
CA ASN A 97 -22.26 -24.72 13.88
C ASN A 97 -21.73 -25.73 12.86
N ALA A 98 -21.91 -27.01 13.17
CA ALA A 98 -21.41 -28.09 12.33
C ALA A 98 -22.05 -28.09 10.93
N ASP A 99 -23.34 -27.79 10.87
CA ASP A 99 -24.03 -27.77 9.58
C ASP A 99 -23.41 -26.74 8.64
N GLU A 100 -23.09 -25.57 9.18
CA GLU A 100 -22.51 -24.51 8.37
C GLU A 100 -21.07 -24.83 7.98
N ALA A 101 -20.33 -25.49 8.86
CA ALA A 101 -18.98 -25.95 8.55
C ALA A 101 -19.03 -26.98 7.41
N ARG A 102 -20.00 -27.87 7.48
CA ARG A 102 -20.18 -28.91 6.47
C ARG A 102 -20.54 -28.29 5.12
N GLU A 103 -21.39 -27.26 5.15
CA GLU A 103 -21.76 -26.54 3.93
C GLU A 103 -20.55 -25.89 3.29
N ALA A 104 -19.69 -25.28 4.10
CA ALA A 104 -18.47 -24.67 3.58
C ALA A 104 -17.61 -25.71 2.88
N VAL A 105 -17.43 -26.86 3.53
CA VAL A 105 -16.61 -27.93 2.97
C VAL A 105 -17.18 -28.44 1.65
N ARG A 106 -18.49 -28.67 1.60
CA ARG A 106 -19.11 -29.23 0.42
C ARG A 106 -19.12 -28.26 -0.77
N ALA A 107 -19.07 -26.97 -0.48
CA ALA A 107 -19.00 -25.96 -1.53
C ALA A 107 -17.68 -26.03 -2.28
N THR A 108 -16.67 -26.63 -1.67
CA THR A 108 -15.35 -26.69 -2.28
C THR A 108 -15.06 -28.01 -2.99
N ARG A 109 -16.04 -28.91 -3.01
CA ARG A 109 -15.80 -30.25 -3.53
C ARG A 109 -16.76 -30.65 -4.64
N TYR A 110 -16.22 -31.25 -5.70
CA TYR A 110 -17.02 -31.76 -6.80
C TYR A 110 -17.85 -32.94 -6.36
N PRO A 111 -19.03 -33.14 -6.98
CA PRO A 111 -19.85 -34.30 -6.65
C PRO A 111 -19.05 -35.59 -6.82
N PRO A 112 -19.37 -36.63 -6.03
CA PRO A 112 -20.44 -36.68 -5.03
C PRO A 112 -20.07 -36.10 -3.67
N ALA A 113 -18.79 -35.76 -3.47
CA ALA A 113 -18.33 -35.26 -2.17
C ALA A 113 -18.86 -33.86 -1.86
N GLY A 114 -19.32 -33.13 -2.88
CA GLY A 114 -19.81 -31.78 -2.67
C GLY A 114 -20.70 -31.28 -3.79
N ILE A 115 -20.91 -29.97 -3.83
CA ILE A 115 -21.82 -29.36 -4.79
C ILE A 115 -21.11 -28.35 -5.69
N ARG A 116 -19.78 -28.44 -5.77
CA ARG A 116 -19.02 -27.51 -6.59
C ARG A 116 -19.39 -27.67 -8.07
N GLY A 117 -19.80 -26.57 -8.68
CA GLY A 117 -20.15 -26.55 -10.09
C GLY A 117 -18.94 -26.73 -10.98
N VAL A 118 -19.13 -27.41 -12.11
CA VAL A 118 -18.04 -27.73 -13.01
C VAL A 118 -17.91 -26.70 -14.15
N GLY A 119 -16.71 -26.16 -14.30
CA GLY A 119 -16.43 -25.21 -15.36
C GLY A 119 -14.93 -25.12 -15.61
N SER A 120 -14.27 -26.27 -15.70
CA SER A 120 -12.81 -26.32 -15.78
C SER A 120 -12.23 -25.74 -17.07
N ALA A 121 -12.98 -25.84 -18.16
CA ALA A 121 -12.52 -25.28 -19.43
C ALA A 121 -12.24 -23.80 -19.28
N LEU A 122 -13.03 -23.13 -18.44
CA LEU A 122 -12.99 -21.68 -18.31
C LEU A 122 -12.08 -21.17 -17.21
N ALA A 123 -11.62 -22.04 -16.34
CA ALA A 123 -11.08 -21.60 -15.06
C ALA A 123 -9.56 -21.62 -14.98
N ARG A 124 -9.00 -20.59 -14.36
CA ARG A 124 -7.58 -20.56 -14.04
C ARG A 124 -7.24 -21.76 -13.14
N ALA A 125 -8.22 -22.23 -12.38
CA ALA A 125 -8.01 -23.32 -11.42
C ALA A 125 -7.35 -24.54 -12.08
N SER A 126 -7.81 -24.91 -13.26
CA SER A 126 -7.25 -26.05 -13.99
C SER A 126 -6.26 -25.58 -15.03
N ARG A 127 -5.83 -24.33 -14.92
CA ARG A 127 -5.07 -23.66 -15.97
C ARG A 127 -5.73 -23.96 -17.32
N TRP A 128 -7.03 -23.76 -17.38
CA TRP A 128 -7.81 -23.94 -18.60
C TRP A 128 -7.64 -25.34 -19.20
N ASN A 129 -7.86 -26.34 -18.35
CA ASN A 129 -7.81 -27.75 -18.72
C ASN A 129 -6.42 -28.25 -19.09
N ARG A 130 -5.41 -27.52 -18.63
CA ARG A 130 -4.03 -27.90 -18.90
C ARG A 130 -3.49 -28.84 -17.82
N ILE A 131 -4.04 -28.75 -16.62
CA ILE A 131 -3.70 -29.68 -15.55
C ILE A 131 -4.44 -31.00 -15.80
N PRO A 132 -3.69 -32.10 -15.96
CA PRO A 132 -4.35 -33.38 -16.27
C PRO A 132 -5.13 -33.94 -15.09
N ASP A 133 -6.31 -34.48 -15.35
CA ASP A 133 -7.13 -35.10 -14.31
C ASP A 133 -7.47 -34.11 -13.21
N TYR A 134 -7.64 -32.85 -13.56
CA TYR A 134 -7.93 -31.82 -12.56
C TYR A 134 -9.16 -32.19 -11.73
N LEU A 135 -10.24 -32.59 -12.40
CA LEU A 135 -11.49 -32.90 -11.72
C LEU A 135 -11.31 -33.99 -10.67
N GLN A 136 -10.31 -34.85 -10.86
CA GLN A 136 -10.05 -35.94 -9.92
C GLN A 136 -9.08 -35.53 -8.82
N LYS A 137 -8.23 -34.55 -9.10
CA LYS A 137 -7.21 -34.12 -8.14
C LYS A 137 -7.65 -32.94 -7.27
N ALA A 138 -8.66 -32.20 -7.71
CA ALA A 138 -8.99 -30.91 -7.09
C ALA A 138 -9.42 -31.02 -5.64
N ASN A 139 -10.38 -31.91 -5.35
CA ASN A 139 -10.94 -32.01 -4.01
C ASN A 139 -9.88 -32.12 -2.91
N ASP A 140 -8.90 -32.99 -3.10
CA ASP A 140 -7.91 -33.26 -2.07
C ASP A 140 -6.98 -32.09 -1.76
N GLN A 141 -6.90 -31.11 -2.65
CA GLN A 141 -6.01 -29.98 -2.42
C GLN A 141 -6.75 -28.73 -1.94
N MET A 142 -8.05 -28.87 -1.69
CA MET A 142 -8.81 -27.79 -1.07
C MET A 142 -8.57 -27.79 0.44
N CYS A 143 -8.38 -26.60 0.99
CA CYS A 143 -8.13 -26.45 2.42
C CYS A 143 -9.15 -25.48 3.00
N VAL A 144 -10.02 -25.99 3.87
CA VAL A 144 -11.09 -25.17 4.43
C VAL A 144 -10.82 -24.80 5.87
N LEU A 145 -10.80 -23.50 6.14
CA LEU A 145 -10.61 -22.95 7.47
C LEU A 145 -11.88 -22.21 7.85
N VAL A 146 -12.43 -22.52 9.02
CA VAL A 146 -13.68 -21.88 9.45
C VAL A 146 -13.45 -20.94 10.65
N GLN A 147 -14.13 -19.80 10.63
CA GLN A 147 -14.01 -18.83 11.71
C GLN A 147 -15.08 -19.01 12.77
N ILE A 148 -14.66 -19.10 14.03
CA ILE A 148 -15.59 -19.08 15.15
C ILE A 148 -15.48 -17.71 15.82
N GLU A 149 -16.62 -17.02 15.92
CA GLU A 149 -16.61 -15.61 16.28
C GLU A 149 -17.67 -15.24 17.32
N THR A 150 -18.34 -16.23 17.88
CA THR A 150 -19.41 -15.98 18.84
C THR A 150 -19.42 -17.04 19.92
N ARG A 151 -20.11 -16.75 21.01
CA ARG A 151 -20.26 -17.72 22.10
C ARG A 151 -20.96 -18.98 21.59
N GLU A 152 -21.96 -18.79 20.73
CA GLU A 152 -22.66 -19.91 20.13
C GLU A 152 -21.67 -20.82 19.37
N ALA A 153 -20.78 -20.21 18.60
CA ALA A 153 -19.79 -20.97 17.84
C ALA A 153 -18.82 -21.68 18.78
N MET A 154 -18.39 -20.99 19.82
CA MET A 154 -17.52 -21.61 20.83
C MET A 154 -18.18 -22.85 21.42
N LYS A 155 -19.47 -22.73 21.72
CA LYS A 155 -20.22 -23.84 22.29
C LYS A 155 -20.27 -25.03 21.35
N ASN A 156 -20.38 -24.76 20.05
CA ASN A 156 -20.50 -25.82 19.05
C ASN A 156 -19.17 -26.31 18.52
N LEU A 157 -18.07 -25.82 19.10
CA LEU A 157 -16.74 -26.11 18.60
C LEU A 157 -16.43 -27.61 18.52
N PRO A 158 -16.84 -28.39 19.55
CA PRO A 158 -16.55 -29.83 19.48
C PRO A 158 -17.17 -30.48 18.26
N GLN A 159 -18.40 -30.07 17.93
CA GLN A 159 -19.11 -30.62 16.78
C GLN A 159 -18.49 -30.12 15.47
N ILE A 160 -18.09 -28.86 15.45
CA ILE A 160 -17.45 -28.28 14.28
C ILE A 160 -16.14 -29.04 14.00
N LEU A 161 -15.41 -29.35 15.06
CA LEU A 161 -14.14 -30.05 14.92
C LEU A 161 -14.31 -31.47 14.38
N ASP A 162 -15.51 -32.03 14.54
CA ASP A 162 -15.80 -33.37 14.06
C ASP A 162 -16.16 -33.43 12.58
N VAL A 163 -16.28 -32.28 11.93
CA VAL A 163 -16.64 -32.25 10.51
C VAL A 163 -15.43 -32.57 9.64
N GLU A 164 -15.52 -33.64 8.85
CA GLU A 164 -14.46 -33.99 7.93
C GLU A 164 -14.34 -32.92 6.86
N GLY A 165 -13.11 -32.49 6.58
CA GLY A 165 -12.87 -31.44 5.61
C GLY A 165 -12.56 -30.11 6.27
N VAL A 166 -12.95 -29.95 7.52
CA VAL A 166 -12.54 -28.77 8.28
C VAL A 166 -11.09 -28.99 8.71
N ASP A 167 -10.17 -28.32 8.04
CA ASP A 167 -8.75 -28.52 8.26
C ASP A 167 -8.23 -27.63 9.38
N GLY A 168 -8.91 -26.52 9.62
CA GLY A 168 -8.48 -25.58 10.63
C GLY A 168 -9.63 -24.75 11.15
N VAL A 169 -9.45 -24.22 12.36
CA VAL A 169 -10.45 -23.34 12.96
C VAL A 169 -9.76 -22.07 13.41
N PHE A 170 -10.28 -20.95 12.94
CA PHE A 170 -9.68 -19.65 13.16
C PHE A 170 -10.51 -18.89 14.19
N ILE A 171 -9.84 -18.24 15.14
CA ILE A 171 -10.53 -17.43 16.13
C ILE A 171 -10.27 -15.96 15.84
N GLY A 172 -11.35 -15.21 15.63
CA GLY A 172 -11.25 -13.78 15.42
C GLY A 172 -11.52 -13.06 16.72
N PRO A 173 -10.48 -12.53 17.37
CA PRO A 173 -10.63 -11.93 18.71
C PRO A 173 -11.52 -10.69 18.73
N ALA A 174 -11.51 -9.92 17.64
CA ALA A 174 -12.31 -8.70 17.57
C ALA A 174 -13.80 -9.02 17.63
N ASP A 175 -14.27 -9.87 16.72
CA ASP A 175 -15.67 -10.27 16.69
C ASP A 175 -16.08 -11.03 17.94
N LEU A 176 -15.21 -11.92 18.42
CA LEU A 176 -15.54 -12.71 19.60
C LEU A 176 -15.69 -11.80 20.82
N SER A 177 -14.75 -10.88 21.01
CA SER A 177 -14.80 -9.99 22.15
C SER A 177 -16.07 -9.13 22.10
N ALA A 178 -16.45 -8.72 20.89
CA ALA A 178 -17.66 -7.92 20.72
C ALA A 178 -18.89 -8.73 21.14
N ASP A 179 -18.94 -9.99 20.75
CA ASP A 179 -20.07 -10.84 21.07
C ASP A 179 -20.14 -11.14 22.57
N MET A 180 -18.98 -11.13 23.23
CA MET A 180 -18.92 -11.43 24.66
C MET A 180 -19.17 -10.19 25.52
N GLY A 181 -19.27 -9.03 24.88
CA GLY A 181 -19.62 -7.81 25.58
C GLY A 181 -18.43 -6.92 25.93
N TYR A 182 -17.35 -7.06 25.17
CA TYR A 182 -16.15 -6.27 25.40
C TYR A 182 -15.68 -5.62 24.10
N ALA A 183 -16.65 -5.18 23.30
CA ALA A 183 -16.38 -4.67 21.95
C ALA A 183 -14.99 -4.05 21.79
N GLY A 184 -14.17 -4.69 20.96
CA GLY A 184 -12.87 -4.14 20.59
C GLY A 184 -11.84 -4.16 21.69
N ASN A 185 -12.04 -5.02 22.68
CA ASN A 185 -11.01 -5.21 23.67
C ASN A 185 -10.88 -6.67 24.02
N PRO A 186 -10.14 -7.42 23.18
CA PRO A 186 -9.88 -8.83 23.45
C PRO A 186 -8.98 -9.02 24.66
N GLN A 187 -8.40 -7.93 25.16
CA GLN A 187 -7.46 -7.99 26.27
C GLN A 187 -8.08 -8.58 27.55
N HIS A 188 -9.37 -8.32 27.74
CA HIS A 188 -10.07 -8.79 28.94
C HIS A 188 -9.82 -10.27 29.21
N PRO A 189 -9.55 -10.63 30.48
CA PRO A 189 -9.26 -11.99 30.94
C PRO A 189 -10.23 -13.06 30.44
N GLU A 190 -11.54 -12.76 30.44
CA GLU A 190 -12.53 -13.73 30.01
C GLU A 190 -12.36 -14.07 28.53
N VAL A 191 -11.96 -13.09 27.74
CA VAL A 191 -11.77 -13.30 26.32
C VAL A 191 -10.53 -14.14 26.06
N GLN A 192 -9.42 -13.76 26.70
CA GLN A 192 -8.15 -14.47 26.52
C GLN A 192 -8.28 -15.93 26.91
N ALA A 193 -9.05 -16.20 27.97
CA ALA A 193 -9.25 -17.56 28.42
C ALA A 193 -10.03 -18.37 27.39
N ALA A 194 -11.07 -17.75 26.83
CA ALA A 194 -11.86 -18.40 25.79
C ALA A 194 -10.99 -18.73 24.58
N ILE A 195 -10.13 -17.77 24.21
CA ILE A 195 -9.24 -17.96 23.07
C ILE A 195 -8.23 -19.07 23.33
N GLU A 196 -7.54 -18.99 24.46
CA GLU A 196 -6.56 -20.00 24.85
C GLU A 196 -7.18 -21.40 24.88
N GLN A 197 -8.34 -21.51 25.52
CA GLN A 197 -9.02 -22.80 25.63
C GLN A 197 -9.44 -23.35 24.27
N ALA A 198 -9.89 -22.46 23.38
CA ALA A 198 -10.27 -22.89 22.04
C ALA A 198 -9.06 -23.42 21.27
N ILE A 199 -7.95 -22.69 21.34
CA ILE A 199 -6.73 -23.08 20.65
C ILE A 199 -6.30 -24.48 21.08
N VAL A 200 -6.28 -24.70 22.40
CA VAL A 200 -5.88 -25.99 22.94
C VAL A 200 -6.83 -27.08 22.46
N GLN A 201 -8.13 -26.83 22.55
CA GLN A 201 -9.12 -27.81 22.14
C GLN A 201 -9.00 -28.16 20.66
N ILE A 202 -8.76 -27.14 19.82
CA ILE A 202 -8.62 -27.37 18.39
C ILE A 202 -7.41 -28.26 18.12
N ARG A 203 -6.28 -27.90 18.71
CA ARG A 203 -5.04 -28.64 18.47
C ARG A 203 -5.17 -30.08 18.97
N GLU A 204 -5.83 -30.27 20.11
CA GLU A 204 -6.01 -31.61 20.67
C GLU A 204 -6.90 -32.48 19.79
N SER A 205 -7.76 -31.87 18.98
CA SER A 205 -8.62 -32.63 18.08
C SER A 205 -7.88 -33.06 16.83
N GLY A 206 -6.61 -32.66 16.70
CA GLY A 206 -5.82 -33.00 15.54
C GLY A 206 -6.04 -32.06 14.37
N LYS A 207 -6.46 -30.83 14.66
CA LYS A 207 -6.68 -29.84 13.61
C LYS A 207 -5.96 -28.52 13.91
N ALA A 208 -5.88 -27.67 12.91
CA ALA A 208 -5.04 -26.47 12.98
C ALA A 208 -5.79 -25.29 13.58
N PRO A 209 -5.28 -24.74 14.70
CA PRO A 209 -5.84 -23.51 15.26
C PRO A 209 -5.26 -22.29 14.56
N GLY A 210 -6.09 -21.28 14.32
CA GLY A 210 -5.62 -20.07 13.68
C GLY A 210 -6.12 -18.82 14.37
N ILE A 211 -5.43 -17.71 14.14
CA ILE A 211 -5.80 -16.46 14.76
C ILE A 211 -5.06 -15.30 14.12
N LEU A 212 -5.65 -14.10 14.20
CA LEU A 212 -4.96 -12.88 13.83
C LEU A 212 -4.74 -12.07 15.10
N ILE A 213 -3.52 -11.58 15.28
CA ILE A 213 -3.18 -10.79 16.45
C ILE A 213 -1.99 -9.89 16.15
N ALA A 214 -2.18 -8.58 16.30
CA ALA A 214 -1.14 -7.62 15.95
C ALA A 214 -0.15 -7.44 17.09
N ASN A 215 -0.55 -7.79 18.30
CA ASN A 215 0.35 -7.78 19.45
C ASN A 215 1.30 -8.97 19.38
N GLU A 216 2.59 -8.68 19.21
CA GLU A 216 3.57 -9.73 18.93
C GLU A 216 3.82 -10.67 20.11
N GLN A 217 3.60 -10.18 21.33
CA GLN A 217 3.77 -11.03 22.52
C GLN A 217 2.66 -12.06 22.59
N LEU A 218 1.42 -11.63 22.39
CA LEU A 218 0.29 -12.56 22.37
C LEU A 218 0.42 -13.58 21.24
N ALA A 219 0.89 -13.14 20.08
CA ALA A 219 1.09 -14.04 18.96
C ALA A 219 2.00 -15.19 19.38
N LYS A 220 3.09 -14.86 20.05
CA LYS A 220 4.04 -15.87 20.50
C LYS A 220 3.42 -16.80 21.56
N ARG A 221 2.57 -16.25 22.41
CA ARG A 221 1.83 -17.07 23.37
C ARG A 221 0.95 -18.09 22.66
N TYR A 222 0.17 -17.63 21.67
CA TYR A 222 -0.73 -18.53 20.94
C TYR A 222 0.05 -19.58 20.17
N LEU A 223 1.22 -19.21 19.65
CA LEU A 223 2.09 -20.16 18.99
C LEU A 223 2.59 -21.20 20.01
N GLU A 224 3.06 -20.72 21.15
CA GLU A 224 3.44 -21.61 22.25
C GLU A 224 2.33 -22.63 22.53
N LEU A 225 1.08 -22.15 22.55
CA LEU A 225 -0.06 -23.01 22.88
C LEU A 225 -0.43 -24.00 21.80
N GLY A 226 0.11 -23.84 20.60
CA GLY A 226 -0.15 -24.79 19.53
C GLY A 226 -0.91 -24.27 18.33
N ALA A 227 -1.03 -22.94 18.22
CA ALA A 227 -1.68 -22.35 17.04
C ALA A 227 -0.81 -22.58 15.82
N LEU A 228 -1.41 -22.96 14.70
CA LEU A 228 -0.64 -23.37 13.52
C LEU A 228 -0.70 -22.41 12.33
N PHE A 229 -1.73 -21.56 12.25
CA PHE A 229 -1.69 -20.46 11.28
C PHE A 229 -2.04 -19.15 11.95
N VAL A 230 -1.01 -18.34 12.12
CA VAL A 230 -1.10 -17.13 12.93
C VAL A 230 -0.70 -15.92 12.10
N ALA A 231 -1.66 -15.03 11.84
CA ALA A 231 -1.37 -13.78 11.17
C ALA A 231 -0.93 -12.78 12.22
N VAL A 232 0.20 -12.12 11.98
CA VAL A 232 0.85 -11.31 13.00
C VAL A 232 0.83 -9.83 12.68
N GLY A 233 0.14 -9.46 11.61
CA GLY A 233 -0.02 -8.06 11.25
C GLY A 233 -0.94 -7.86 10.07
N VAL A 234 -1.24 -6.60 9.78
CA VAL A 234 -2.17 -6.22 8.72
C VAL A 234 -1.49 -5.16 7.88
N ASP A 235 -1.55 -5.29 6.56
CA ASP A 235 -0.81 -4.36 5.70
C ASP A 235 -1.21 -2.90 5.92
N THR A 236 -2.50 -2.63 5.99
CA THR A 236 -2.97 -1.25 6.20
C THR A 236 -2.42 -0.67 7.51
N THR A 237 -2.40 -1.47 8.56
CA THR A 237 -1.90 -1.04 9.86
C THR A 237 -0.39 -0.74 9.82
N LEU A 238 0.38 -1.68 9.27
CA LEU A 238 1.82 -1.50 9.15
C LEU A 238 2.13 -0.18 8.46
N LEU A 239 1.47 0.07 7.34
CA LEU A 239 1.71 1.27 6.56
C LEU A 239 1.30 2.53 7.30
N ALA A 240 0.09 2.53 7.86
CA ALA A 240 -0.44 3.71 8.53
C ALA A 240 0.41 4.09 9.74
N ARG A 241 0.75 3.09 10.56
CA ARG A 241 1.48 3.34 11.79
C ARG A 241 2.93 3.74 11.52
N ALA A 242 3.57 3.09 10.54
CA ALA A 242 4.93 3.47 10.16
C ALA A 242 4.96 4.91 9.65
N ALA A 243 3.98 5.26 8.81
CA ALA A 243 3.91 6.60 8.25
C ALA A 243 3.65 7.66 9.33
N GLU A 244 2.70 7.39 10.22
CA GLU A 244 2.37 8.32 11.29
C GLU A 244 3.55 8.56 12.22
N ALA A 245 4.24 7.48 12.57
CA ALA A 245 5.41 7.58 13.44
C ALA A 245 6.50 8.43 12.79
N LEU A 246 6.75 8.19 11.50
CA LEU A 246 7.76 8.95 10.77
C LEU A 246 7.43 10.44 10.78
N ALA A 247 6.18 10.77 10.45
CA ALA A 247 5.74 12.15 10.44
C ALA A 247 5.92 12.80 11.82
N ALA A 248 5.61 12.05 12.86
CA ALA A 248 5.69 12.56 14.23
C ALA A 248 7.13 12.89 14.64
N ARG A 249 8.09 12.10 14.16
CA ARG A 249 9.49 12.33 14.51
C ARG A 249 10.04 13.64 13.93
N PHE A 250 9.28 14.27 13.03
CA PHE A 250 9.69 15.55 12.47
C PHE A 250 8.74 16.67 12.87
N GLY A 251 7.74 16.33 13.68
CA GLY A 251 6.76 17.31 14.14
C GLY A 251 6.06 18.03 13.00
N MET B 1 -8.75 28.42 -4.21
CA MET B 1 -7.73 27.63 -4.90
C MET B 1 -6.33 28.12 -4.56
N GLU B 2 -6.18 28.75 -3.41
CA GLU B 2 -4.88 29.22 -2.96
C GLU B 2 -3.95 28.03 -2.75
N ASN B 3 -2.70 28.18 -3.20
CA ASN B 3 -1.71 27.12 -3.03
C ASN B 3 -0.99 27.29 -1.70
N SER B 4 -1.39 26.52 -0.70
CA SER B 4 -0.88 26.69 0.65
C SER B 4 0.54 26.16 0.81
N PHE B 5 0.89 25.15 0.01
CA PHE B 5 2.26 24.62 0.02
C PHE B 5 3.20 25.71 -0.48
N LYS B 6 2.81 26.35 -1.57
CA LYS B 6 3.59 27.43 -2.16
C LYS B 6 3.78 28.58 -1.16
N ALA B 7 2.71 28.95 -0.48
CA ALA B 7 2.78 30.04 0.49
C ALA B 7 3.68 29.68 1.66
N ALA B 8 3.62 28.43 2.10
CA ALA B 8 4.45 27.98 3.21
C ALA B 8 5.94 28.07 2.86
N LEU B 9 6.29 27.68 1.63
CA LEU B 9 7.68 27.76 1.19
C LEU B 9 8.16 29.21 1.16
N LYS B 10 7.32 30.09 0.65
CA LYS B 10 7.66 31.50 0.52
C LYS B 10 7.82 32.14 1.89
N ALA B 11 7.13 31.59 2.90
CA ALA B 11 7.20 32.11 4.26
C ALA B 11 8.31 31.44 5.07
N GLY B 12 9.03 30.51 4.45
CA GLY B 12 10.13 29.83 5.12
C GLY B 12 9.69 28.80 6.14
N ARG B 13 8.48 28.29 5.99
CA ARG B 13 8.01 27.20 6.84
C ARG B 13 8.39 25.86 6.22
N PRO B 14 9.28 25.10 6.89
CA PRO B 14 9.70 23.80 6.35
C PRO B 14 8.52 22.84 6.21
N GLN B 15 8.48 22.09 5.11
CA GLN B 15 7.40 21.16 4.84
C GLN B 15 7.93 19.73 4.79
N ILE B 16 7.41 18.89 5.67
CA ILE B 16 7.84 17.49 5.76
C ILE B 16 6.93 16.63 4.89
N GLY B 17 7.55 15.80 4.04
CA GLY B 17 6.80 15.09 3.02
C GLY B 17 6.96 13.59 3.01
N LEU B 18 6.04 12.91 2.32
CA LEU B 18 6.17 11.48 2.09
C LEU B 18 6.00 11.20 0.59
N TRP B 19 6.84 10.31 0.07
CA TRP B 19 6.81 9.94 -1.35
C TRP B 19 5.76 8.84 -1.57
N LEU B 20 4.95 8.99 -2.61
CA LEU B 20 3.91 8.01 -2.93
C LEU B 20 4.21 7.30 -4.26
N GLY B 21 4.62 6.03 -4.18
CA GLY B 21 4.82 5.23 -5.36
C GLY B 21 3.94 4.00 -5.43
N LEU B 22 3.00 3.86 -4.49
CA LEU B 22 2.09 2.72 -4.51
C LEU B 22 1.02 2.83 -5.60
N SER B 23 0.87 4.03 -6.17
CA SER B 23 0.04 4.24 -7.36
C SER B 23 -1.40 3.81 -7.13
N SER B 24 -1.92 4.12 -5.95
CA SER B 24 -3.24 3.69 -5.55
C SER B 24 -3.96 4.82 -4.83
N SER B 25 -5.21 5.09 -5.21
CA SER B 25 -6.00 6.14 -4.58
C SER B 25 -6.41 5.72 -3.16
N TYR B 26 -6.42 4.42 -2.92
CA TYR B 26 -6.78 3.87 -1.62
C TYR B 26 -5.68 4.10 -0.58
N SER B 27 -4.47 3.62 -0.85
CA SER B 27 -3.36 3.85 0.08
C SER B 27 -3.02 5.34 0.15
N ALA B 28 -3.27 6.07 -0.93
CA ALA B 28 -3.04 7.52 -0.92
C ALA B 28 -3.91 8.20 0.14
N GLU B 29 -5.17 7.81 0.26
CA GLU B 29 -6.03 8.39 1.28
C GLU B 29 -5.56 7.99 2.66
N LEU B 30 -5.26 6.72 2.83
CA LEU B 30 -4.74 6.21 4.10
C LEU B 30 -3.55 7.05 4.57
N LEU B 31 -2.65 7.37 3.66
CA LEU B 31 -1.44 8.11 4.02
C LEU B 31 -1.68 9.61 4.14
N ALA B 32 -2.74 10.11 3.50
CA ALA B 32 -3.07 11.53 3.57
C ALA B 32 -3.48 11.94 4.99
N GLY B 33 -3.87 10.96 5.80
CA GLY B 33 -4.27 11.22 7.17
C GLY B 33 -3.17 10.95 8.18
N ALA B 34 -1.94 10.78 7.70
CA ALA B 34 -0.84 10.39 8.57
C ALA B 34 -0.06 11.57 9.15
N GLY B 35 -0.36 12.79 8.69
CA GLY B 35 0.18 13.98 9.30
C GLY B 35 1.28 14.72 8.55
N PHE B 36 1.55 14.34 7.30
CA PHE B 36 2.57 15.01 6.51
C PHE B 36 2.08 16.34 5.94
N ASP B 37 3.01 17.26 5.74
CA ASP B 37 2.70 18.54 5.13
C ASP B 37 2.47 18.39 3.63
N TRP B 38 3.20 17.48 3.00
CA TRP B 38 3.02 17.24 1.57
C TRP B 38 3.22 15.78 1.17
N LEU B 39 2.67 15.44 0.02
CA LEU B 39 2.74 14.08 -0.52
C LEU B 39 3.16 14.18 -1.98
N LEU B 40 4.12 13.36 -2.37
CA LEU B 40 4.62 13.38 -3.74
C LEU B 40 4.04 12.23 -4.53
N ILE B 41 3.20 12.55 -5.52
CA ILE B 41 2.65 11.55 -6.42
C ILE B 41 3.62 11.39 -7.58
N ASP B 42 4.29 10.25 -7.64
CA ASP B 42 5.41 10.06 -8.54
C ASP B 42 4.96 9.50 -9.89
N GLY B 43 4.92 10.34 -10.91
CA GLY B 43 4.62 9.91 -12.25
C GLY B 43 5.85 9.54 -13.06
N GLU B 44 7.03 9.60 -12.45
CA GLU B 44 8.26 9.28 -13.17
C GLU B 44 8.76 7.86 -12.88
N HIS B 45 8.77 7.47 -11.60
CA HIS B 45 9.36 6.20 -11.21
C HIS B 45 8.35 5.22 -10.60
N ALA B 46 7.07 5.57 -10.64
CA ALA B 46 6.00 4.65 -10.26
C ALA B 46 5.00 4.56 -11.41
N PRO B 47 4.27 3.44 -11.50
CA PRO B 47 3.34 3.28 -12.62
C PRO B 47 2.09 4.17 -12.50
N ASN B 48 2.28 5.48 -12.63
CA ASN B 48 1.16 6.41 -12.62
C ASN B 48 0.97 7.03 -14.00
N ASN B 49 -0.24 7.53 -14.24
CA ASN B 49 -0.51 8.37 -15.41
C ASN B 49 -1.49 9.47 -15.01
N VAL B 50 -1.91 10.28 -15.97
CA VAL B 50 -2.77 11.41 -15.66
C VAL B 50 -4.02 10.95 -14.91
N GLN B 51 -4.58 9.82 -15.32
CA GLN B 51 -5.80 9.30 -14.73
CA GLN B 51 -5.80 9.28 -14.73
C GLN B 51 -5.63 8.87 -13.27
N THR B 52 -4.53 8.19 -12.96
CA THR B 52 -4.29 7.75 -11.60
C THR B 52 -3.86 8.91 -10.71
N VAL B 53 -3.20 9.91 -11.28
CA VAL B 53 -2.89 11.13 -10.53
C VAL B 53 -4.22 11.76 -10.10
N LEU B 54 -5.14 11.91 -11.05
CA LEU B 54 -6.45 12.48 -10.78
C LEU B 54 -7.14 11.81 -9.59
N THR B 55 -7.18 10.48 -9.57
CA THR B 55 -7.87 9.78 -8.48
C THR B 55 -7.14 9.93 -7.15
N GLN B 56 -5.82 10.05 -7.18
CA GLN B 56 -5.05 10.27 -5.96
C GLN B 56 -5.25 11.70 -5.43
N LEU B 57 -5.36 12.67 -6.33
CA LEU B 57 -5.71 14.03 -5.92
C LEU B 57 -7.10 14.05 -5.26
N GLN B 58 -8.05 13.33 -5.84
CA GLN B 58 -9.40 13.28 -5.27
C GLN B 58 -9.38 12.65 -3.88
N ALA B 59 -8.61 11.58 -3.72
CA ALA B 59 -8.53 10.89 -2.45
C ALA B 59 -7.92 11.80 -1.37
N ILE B 60 -6.92 12.58 -1.76
CA ILE B 60 -6.15 13.41 -0.82
C ILE B 60 -6.88 14.70 -0.44
N ALA B 61 -7.74 15.18 -1.33
CA ALA B 61 -8.33 16.51 -1.25
C ALA B 61 -8.83 16.97 0.14
N PRO B 62 -9.63 16.13 0.83
CA PRO B 62 -10.21 16.63 2.09
C PRO B 62 -9.22 16.68 3.26
N TYR B 63 -8.01 16.16 3.06
CA TYR B 63 -7.00 16.14 4.12
C TYR B 63 -6.12 17.37 4.08
N PRO B 64 -5.40 17.64 5.18
CA PRO B 64 -4.52 18.82 5.23
C PRO B 64 -3.27 18.66 4.36
N SER B 65 -2.82 17.43 4.17
CA SER B 65 -1.61 17.18 3.39
C SER B 65 -1.78 17.68 1.96
N GLN B 66 -0.76 18.38 1.45
CA GLN B 66 -0.85 19.00 0.14
C GLN B 66 -0.16 18.15 -0.91
N PRO B 67 -0.80 17.98 -2.07
CA PRO B 67 -0.26 17.14 -3.13
C PRO B 67 0.77 17.85 -4.00
N VAL B 68 1.83 17.14 -4.33
CA VAL B 68 2.82 17.58 -5.30
C VAL B 68 2.95 16.44 -6.31
N VAL B 69 3.03 16.78 -7.59
CA VAL B 69 3.07 15.76 -8.62
C VAL B 69 4.37 15.85 -9.43
N ARG B 70 4.99 14.71 -9.65
CA ARG B 70 6.15 14.63 -10.53
C ARG B 70 5.76 14.01 -11.87
N PRO B 71 5.84 14.79 -12.96
CA PRO B 71 5.66 14.22 -14.29
C PRO B 71 6.87 13.39 -14.69
N SER B 72 6.74 12.58 -15.75
CA SER B 72 7.81 11.67 -16.13
C SER B 72 8.99 12.41 -16.75
N TRP B 73 8.74 13.61 -17.26
CA TRP B 73 9.77 14.44 -17.87
CA TRP B 73 9.81 14.48 -17.73
C TRP B 73 9.28 15.89 -17.95
N ASN B 74 10.18 16.80 -18.29
CA ASN B 74 9.82 18.19 -18.48
C ASN B 74 9.09 18.36 -19.81
N ASP B 75 7.87 17.85 -19.85
CA ASP B 75 7.08 17.81 -21.08
C ASP B 75 5.89 18.75 -20.97
N PRO B 76 5.84 19.78 -21.81
CA PRO B 76 4.76 20.76 -21.70
C PRO B 76 3.37 20.15 -21.90
N VAL B 77 3.27 19.12 -22.75
CA VAL B 77 1.99 18.48 -23.00
C VAL B 77 1.50 17.70 -21.77
N GLN B 78 2.37 16.87 -21.22
CA GLN B 78 2.06 16.15 -20.00
C GLN B 78 1.74 17.12 -18.86
N ILE B 79 2.54 18.19 -18.76
CA ILE B 79 2.31 19.21 -17.73
C ILE B 79 0.92 19.84 -17.87
N LYS B 80 0.56 20.19 -19.09
CA LYS B 80 -0.77 20.72 -19.39
C LYS B 80 -1.88 19.80 -18.86
N GLN B 81 -1.74 18.50 -19.13
CA GLN B 81 -2.77 17.53 -18.76
C GLN B 81 -2.86 17.38 -17.25
N LEU B 82 -1.71 17.38 -16.58
CA LEU B 82 -1.69 17.28 -15.12
C LEU B 82 -2.30 18.52 -14.46
N LEU B 83 -2.06 19.69 -15.04
CA LEU B 83 -2.64 20.92 -14.49
C LEU B 83 -4.16 20.91 -14.59
N ASP B 84 -4.69 20.47 -15.73
CA ASP B 84 -6.13 20.49 -15.93
C ASP B 84 -6.89 19.54 -14.99
N VAL B 85 -6.28 18.44 -14.58
CA VAL B 85 -6.93 17.58 -13.59
C VAL B 85 -6.76 18.12 -12.17
N GLY B 86 -6.06 19.25 -12.03
CA GLY B 86 -6.02 19.96 -10.76
C GLY B 86 -4.66 20.10 -10.08
N THR B 87 -3.60 19.66 -10.74
CA THR B 87 -2.25 19.79 -10.16
C THR B 87 -1.85 21.27 -10.08
N GLN B 88 -1.36 21.69 -8.91
CA GLN B 88 -0.87 23.06 -8.73
C GLN B 88 0.60 23.16 -8.34
N THR B 89 1.17 22.05 -7.85
CA THR B 89 2.58 22.02 -7.50
C THR B 89 3.26 20.88 -8.23
N LEU B 90 4.25 21.22 -9.05
CA LEU B 90 4.98 20.26 -9.87
C LEU B 90 6.43 20.10 -9.45
N LEU B 91 6.89 18.85 -9.42
CA LEU B 91 8.31 18.56 -9.27
C LEU B 91 8.84 18.01 -10.60
N VAL B 92 9.59 18.83 -11.31
CA VAL B 92 10.01 18.51 -12.68
C VAL B 92 11.41 17.90 -12.71
N PRO B 93 11.53 16.66 -13.22
CA PRO B 93 12.83 15.99 -13.19
C PRO B 93 13.81 16.45 -14.25
N MET B 94 15.09 16.19 -14.00
CA MET B 94 16.16 16.42 -14.97
C MET B 94 16.14 17.80 -15.61
N VAL B 95 16.07 18.84 -14.79
CA VAL B 95 16.21 20.20 -15.29
C VAL B 95 17.70 20.56 -15.26
N GLN B 96 18.27 20.79 -16.45
CA GLN B 96 19.73 20.86 -16.61
C GLN B 96 20.28 22.27 -16.68
N ASN B 97 19.43 23.24 -17.03
CA ASN B 97 19.88 24.60 -17.24
C ASN B 97 18.72 25.58 -17.14
N ALA B 98 19.03 26.87 -17.24
CA ALA B 98 18.03 27.93 -17.07
C ALA B 98 16.95 27.89 -18.15
N ASP B 99 17.32 27.51 -19.37
CA ASP B 99 16.34 27.41 -20.45
C ASP B 99 15.29 26.36 -20.12
N GLU B 100 15.73 25.20 -19.64
CA GLU B 100 14.81 24.13 -19.31
C GLU B 100 13.94 24.49 -18.10
N ALA B 101 14.52 25.20 -17.14
CA ALA B 101 13.74 25.67 -15.99
C ALA B 101 12.65 26.64 -16.45
N ARG B 102 13.02 27.52 -17.39
CA ARG B 102 12.09 28.52 -17.91
C ARG B 102 10.95 27.85 -18.69
N GLU B 103 11.29 26.81 -19.45
CA GLU B 103 10.29 26.05 -20.19
C GLU B 103 9.29 25.41 -19.23
N ALA B 104 9.80 24.85 -18.13
CA ALA B 104 8.94 24.25 -17.12
C ALA B 104 7.96 25.27 -16.56
N VAL B 105 8.47 26.46 -16.24
CA VAL B 105 7.64 27.52 -15.70
C VAL B 105 6.56 27.95 -16.69
N ARG B 106 6.97 28.18 -17.93
CA ARG B 106 6.05 28.69 -18.95
C ARG B 106 4.98 27.67 -19.31
N ALA B 107 5.26 26.40 -19.10
CA ALA B 107 4.30 25.34 -19.38
C ALA B 107 3.14 25.38 -18.38
N THR B 108 3.34 26.06 -17.25
CA THR B 108 2.30 26.10 -16.20
C THR B 108 1.48 27.39 -16.23
N ARG B 109 1.81 28.30 -17.13
CA ARG B 109 1.17 29.62 -17.13
C ARG B 109 0.45 29.92 -18.44
N TYR B 110 -0.74 30.51 -18.31
CA TYR B 110 -1.52 30.92 -19.47
C TYR B 110 -0.83 32.09 -20.17
N PRO B 111 -1.03 32.22 -21.50
CA PRO B 111 -0.46 33.38 -22.18
C PRO B 111 -0.97 34.66 -21.53
N PRO B 112 -0.17 35.74 -21.55
CA PRO B 112 1.13 35.85 -22.22
C PRO B 112 2.31 35.31 -21.41
N ALA B 113 2.11 35.00 -20.13
CA ALA B 113 3.22 34.57 -19.27
C ALA B 113 3.72 33.16 -19.59
N GLY B 114 2.90 32.39 -20.30
CA GLY B 114 3.29 31.03 -20.64
C GLY B 114 2.56 30.47 -21.85
N ILE B 115 2.65 29.16 -22.03
CA ILE B 115 2.05 28.49 -23.18
C ILE B 115 0.97 27.50 -22.78
N ARG B 116 0.48 27.60 -21.55
CA ARG B 116 -0.55 26.67 -21.09
C ARG B 116 -1.79 26.75 -21.96
N GLY B 117 -2.24 25.60 -22.46
CA GLY B 117 -3.43 25.52 -23.27
C GLY B 117 -4.70 25.70 -22.44
N VAL B 118 -5.68 26.41 -23.00
CA VAL B 118 -6.91 26.72 -22.30
C VAL B 118 -7.97 25.66 -22.52
N GLY B 119 -8.52 25.13 -21.43
CA GLY B 119 -9.61 24.17 -21.50
C GLY B 119 -10.36 24.08 -20.18
N SER B 120 -10.65 25.23 -19.60
CA SER B 120 -11.20 25.29 -18.23
C SER B 120 -12.59 24.68 -18.10
N ALA B 121 -13.39 24.74 -19.16
CA ALA B 121 -14.73 24.16 -19.12
C ALA B 121 -14.67 22.67 -18.78
N LEU B 122 -13.61 22.00 -19.26
CA LEU B 122 -13.46 20.56 -19.11
C LEU B 122 -12.67 20.15 -17.88
N ALA B 123 -12.08 21.12 -17.19
CA ALA B 123 -11.04 20.80 -16.21
C ALA B 123 -11.51 20.80 -14.77
N ARG B 124 -11.11 19.77 -14.04
CA ARG B 124 -11.25 19.78 -12.58
C ARG B 124 -10.55 21.00 -12.00
N ALA B 125 -9.50 21.46 -12.66
CA ALA B 125 -8.71 22.60 -12.17
C ALA B 125 -9.57 23.81 -11.86
N SER B 126 -10.52 24.12 -12.75
CA SER B 126 -11.43 25.25 -12.55
C SER B 126 -12.72 24.80 -11.88
N ARG B 127 -12.74 23.54 -11.44
CA ARG B 127 -13.98 22.90 -11.01
C ARG B 127 -15.05 23.12 -12.07
N TRP B 128 -14.68 22.88 -13.32
CA TRP B 128 -15.58 22.99 -14.45
C TRP B 128 -16.25 24.36 -14.51
N ASN B 129 -15.41 25.38 -14.34
CA ASN B 129 -15.81 26.79 -14.46
C ASN B 129 -16.60 27.34 -13.28
N ARG B 130 -16.59 26.63 -12.15
CA ARG B 130 -17.22 27.13 -10.93
C ARG B 130 -16.37 28.17 -10.24
N ILE B 131 -15.05 28.04 -10.36
CA ILE B 131 -14.14 29.01 -9.76
C ILE B 131 -14.19 30.28 -10.59
N PRO B 132 -14.64 31.39 -9.98
CA PRO B 132 -14.77 32.66 -10.71
C PRO B 132 -13.42 33.24 -11.13
N ASP B 133 -13.33 33.68 -12.37
CA ASP B 133 -12.11 34.29 -12.89
C ASP B 133 -10.93 33.33 -12.78
N TYR B 134 -11.18 32.06 -13.00
CA TYR B 134 -10.12 31.07 -12.85
C TYR B 134 -8.93 31.42 -13.72
N LEU B 135 -9.18 31.75 -14.98
CA LEU B 135 -8.11 32.02 -15.93
C LEU B 135 -7.19 33.16 -15.47
N GLN B 136 -7.73 34.08 -14.67
CA GLN B 136 -6.93 35.21 -14.19
C GLN B 136 -6.20 34.88 -12.88
N LYS B 137 -6.71 33.89 -12.14
CA LYS B 137 -6.14 33.56 -10.83
C LYS B 137 -5.13 32.43 -10.87
N ALA B 138 -5.18 31.60 -11.90
CA ALA B 138 -4.46 30.33 -11.90
C ALA B 138 -2.94 30.48 -11.86
N ASN B 139 -2.40 31.36 -12.69
CA ASN B 139 -0.95 31.49 -12.83
C ASN B 139 -0.25 31.68 -11.49
N ASP B 140 -0.79 32.56 -10.65
CA ASP B 140 -0.14 32.90 -9.39
C ASP B 140 -0.15 31.78 -8.36
N GLN B 141 -1.01 30.78 -8.53
CA GLN B 141 -1.08 29.69 -7.57
C GLN B 141 -0.32 28.44 -8.05
N MET B 142 0.36 28.56 -9.18
CA MET B 142 1.22 27.48 -9.66
C MET B 142 2.56 27.52 -8.93
N CYS B 143 3.02 26.36 -8.47
CA CYS B 143 4.29 26.25 -7.78
C CYS B 143 5.20 25.29 -8.53
N VAL B 144 6.28 25.82 -9.09
CA VAL B 144 7.19 25.03 -9.91
C VAL B 144 8.49 24.71 -9.16
N LEU B 145 8.72 23.41 -8.96
CA LEU B 145 9.93 22.93 -8.32
C LEU B 145 10.73 22.15 -9.36
N VAL B 146 12.01 22.47 -9.50
CA VAL B 146 12.85 21.80 -10.50
C VAL B 146 13.93 20.94 -9.85
N GLN B 147 14.19 19.78 -10.44
CA GLN B 147 15.20 18.86 -9.92
C GLN B 147 16.55 19.07 -10.61
N ILE B 148 17.61 19.20 -9.80
CA ILE B 148 18.97 19.18 -10.32
C ILE B 148 19.59 17.83 -9.97
N GLU B 149 20.07 17.13 -10.99
CA GLU B 149 20.41 15.72 -10.85
C GLU B 149 21.75 15.33 -11.46
N THR B 150 22.51 16.31 -11.93
CA THR B 150 23.78 16.03 -12.59
C THR B 150 24.79 17.12 -12.27
N ARG B 151 26.05 16.86 -12.61
CA ARG B 151 27.11 17.84 -12.43
C ARG B 151 26.81 19.07 -13.28
N GLU B 152 26.32 18.82 -14.49
CA GLU B 152 25.94 19.90 -15.39
C GLU B 152 24.92 20.83 -14.73
N ALA B 153 23.87 20.23 -14.17
CA ALA B 153 22.84 20.98 -13.49
C ALA B 153 23.44 21.80 -12.34
N MET B 154 24.36 21.20 -11.61
CA MET B 154 25.02 21.87 -10.50
C MET B 154 25.82 23.09 -10.97
N LYS B 155 26.52 22.97 -12.10
CA LYS B 155 27.25 24.10 -12.66
C LYS B 155 26.28 25.24 -12.94
N ASN B 156 25.10 24.89 -13.46
CA ASN B 156 24.14 25.88 -13.94
C ASN B 156 23.20 26.40 -12.84
N LEU B 157 23.41 25.95 -11.61
CA LEU B 157 22.51 26.29 -10.52
C LEU B 157 22.28 27.80 -10.37
N PRO B 158 23.37 28.59 -10.45
CA PRO B 158 23.19 30.04 -10.28
C PRO B 158 22.21 30.64 -11.28
N GLN B 159 22.27 30.23 -12.54
CA GLN B 159 21.37 30.74 -13.56
C GLN B 159 19.95 30.22 -13.35
N ILE B 160 19.84 28.96 -12.96
CA ILE B 160 18.53 28.37 -12.68
C ILE B 160 17.82 29.13 -11.56
N LEU B 161 18.58 29.48 -10.52
CA LEU B 161 18.04 30.25 -9.41
C LEU B 161 17.61 31.67 -9.84
N ASP B 162 18.11 32.12 -10.98
CA ASP B 162 17.76 33.44 -11.50
C ASP B 162 16.45 33.42 -12.30
N VAL B 163 15.89 32.23 -12.52
CA VAL B 163 14.68 32.10 -13.32
C VAL B 163 13.42 32.40 -12.49
N GLU B 164 12.70 33.44 -12.88
CA GLU B 164 11.44 33.79 -12.20
C GLU B 164 10.40 32.68 -12.41
N GLY B 165 9.71 32.31 -11.34
CA GLY B 165 8.73 31.25 -11.41
C GLY B 165 9.26 29.93 -10.86
N VAL B 166 10.58 29.81 -10.79
CA VAL B 166 11.17 28.68 -10.09
C VAL B 166 11.08 28.97 -8.60
N ASP B 167 10.21 28.25 -7.90
CA ASP B 167 9.96 28.51 -6.49
C ASP B 167 10.84 27.65 -5.61
N GLY B 168 11.33 26.54 -6.16
CA GLY B 168 12.13 25.62 -5.40
C GLY B 168 13.04 24.79 -6.28
N VAL B 169 14.13 24.32 -5.69
CA VAL B 169 15.08 23.47 -6.38
C VAL B 169 15.31 22.23 -5.54
N PHE B 170 15.06 21.08 -6.14
CA PHE B 170 15.10 19.80 -5.47
C PHE B 170 16.37 19.06 -5.88
N ILE B 171 17.08 18.52 -4.92
CA ILE B 171 18.27 17.72 -5.22
C ILE B 171 17.94 16.25 -5.03
N GLY B 172 18.11 15.48 -6.11
CA GLY B 172 17.88 14.04 -6.04
C GLY B 172 19.20 13.31 -5.85
N PRO B 173 19.44 12.79 -4.63
CA PRO B 173 20.73 12.18 -4.30
C PRO B 173 21.05 10.93 -5.11
N ALA B 174 20.04 10.14 -5.45
CA ALA B 174 20.26 8.90 -6.19
C ALA B 174 20.85 9.20 -7.57
N ASP B 175 20.11 9.96 -8.38
CA ASP B 175 20.59 10.33 -9.71
C ASP B 175 21.89 11.10 -9.64
N LEU B 176 22.00 12.03 -8.70
CA LEU B 176 23.21 12.85 -8.58
C LEU B 176 24.44 12.00 -8.29
N SER B 177 24.34 11.10 -7.32
CA SER B 177 25.47 10.26 -6.96
C SER B 177 25.87 9.36 -8.12
N ALA B 178 24.88 8.89 -8.88
CA ALA B 178 25.14 8.05 -10.04
C ALA B 178 25.92 8.84 -11.08
N ASP B 179 25.48 10.07 -11.36
CA ASP B 179 26.14 10.91 -12.35
C ASP B 179 27.56 11.28 -11.91
N MET B 180 27.79 11.34 -10.60
CA MET B 180 29.09 11.71 -10.07
C MET B 180 30.03 10.51 -10.01
N GLY B 181 29.51 9.32 -10.25
CA GLY B 181 30.33 8.12 -10.31
C GLY B 181 30.24 7.24 -9.09
N TYR B 182 29.19 7.40 -8.29
CA TYR B 182 29.02 6.60 -7.08
C TYR B 182 27.75 5.76 -7.11
N ALA B 183 27.40 5.28 -8.30
CA ALA B 183 26.30 4.33 -8.49
C ALA B 183 25.19 4.44 -7.44
N GLY B 184 24.46 5.55 -7.45
CA GLY B 184 23.28 5.72 -6.63
C GLY B 184 23.53 5.75 -5.12
N ASN B 185 24.78 5.57 -4.71
CA ASN B 185 25.14 5.59 -3.30
C ASN B 185 25.56 6.99 -2.87
N PRO B 186 24.67 7.72 -2.19
CA PRO B 186 24.92 9.13 -1.90
C PRO B 186 25.82 9.40 -0.69
N GLN B 187 26.11 8.37 0.09
CA GLN B 187 26.84 8.53 1.36
C GLN B 187 28.23 9.17 1.21
N HIS B 188 28.87 8.94 0.06
CA HIS B 188 30.23 9.45 -0.15
C HIS B 188 30.34 10.95 0.13
N PRO B 189 31.45 11.37 0.75
CA PRO B 189 31.69 12.78 1.12
C PRO B 189 31.56 13.76 -0.04
N GLU B 190 31.94 13.34 -1.24
CA GLU B 190 31.88 14.23 -2.40
C GLU B 190 30.43 14.55 -2.76
N VAL B 191 29.57 13.55 -2.62
CA VAL B 191 28.15 13.73 -2.92
C VAL B 191 27.52 14.61 -1.85
N GLN B 192 27.78 14.27 -0.60
CA GLN B 192 27.23 15.03 0.53
C GLN B 192 27.62 16.50 0.46
N ALA B 193 28.86 16.75 0.06
CA ALA B 193 29.37 18.12 -0.02
C ALA B 193 28.61 18.91 -1.09
N ALA B 194 28.42 18.29 -2.26
CA ALA B 194 27.70 18.93 -3.35
C ALA B 194 26.27 19.25 -2.91
N ILE B 195 25.63 18.28 -2.25
CA ILE B 195 24.26 18.43 -1.79
C ILE B 195 24.11 19.60 -0.81
N GLU B 196 24.95 19.62 0.22
CA GLU B 196 24.83 20.62 1.27
C GLU B 196 25.19 22.00 0.77
N GLN B 197 26.17 22.08 -0.13
CA GLN B 197 26.55 23.34 -0.73
C GLN B 197 25.40 23.91 -1.56
N ALA B 198 24.73 23.03 -2.31
CA ALA B 198 23.60 23.44 -3.13
C ALA B 198 22.46 23.98 -2.26
N ILE B 199 22.16 23.26 -1.18
CA ILE B 199 21.09 23.68 -0.28
C ILE B 199 21.34 25.09 0.25
N VAL B 200 22.56 25.35 0.70
CA VAL B 200 22.90 26.66 1.23
C VAL B 200 22.71 27.70 0.15
N GLN B 201 23.23 27.40 -1.03
CA GLN B 201 23.17 28.30 -2.18
C GLN B 201 21.73 28.58 -2.62
N ILE B 202 20.89 27.55 -2.64
CA ILE B 202 19.49 27.72 -3.04
C ILE B 202 18.76 28.64 -2.07
N ARG B 203 18.89 28.35 -0.77
CA ARG B 203 18.21 29.15 0.23
C ARG B 203 18.71 30.59 0.21
N GLU B 204 19.99 30.77 -0.06
CA GLU B 204 20.58 32.12 -0.11
C GLU B 204 19.88 33.00 -1.14
N SER B 205 19.36 32.40 -2.20
CA SER B 205 18.69 33.16 -3.27
C SER B 205 17.24 33.48 -2.93
N GLY B 206 16.75 32.99 -1.80
CA GLY B 206 15.37 33.20 -1.40
C GLY B 206 14.42 32.11 -1.91
N LYS B 207 14.95 31.11 -2.61
CA LYS B 207 14.15 30.02 -3.14
C LYS B 207 14.21 28.83 -2.18
N ALA B 208 13.33 27.86 -2.38
CA ALA B 208 13.21 26.74 -1.46
C ALA B 208 14.08 25.56 -1.89
N PRO B 209 14.94 25.07 -0.99
CA PRO B 209 15.67 23.83 -1.29
C PRO B 209 14.85 22.62 -0.92
N GLY B 210 14.91 21.57 -1.74
CA GLY B 210 14.19 20.35 -1.44
C GLY B 210 15.04 19.13 -1.67
N ILE B 211 14.63 18.02 -1.06
CA ILE B 211 15.40 16.80 -1.15
C ILE B 211 14.56 15.64 -0.62
N LEU B 212 14.86 14.44 -1.09
CA LEU B 212 14.29 13.22 -0.55
C LEU B 212 15.40 12.49 0.16
N ILE B 213 15.15 12.10 1.40
CA ILE B 213 16.18 11.44 2.19
C ILE B 213 15.54 10.57 3.26
N ALA B 214 15.81 9.27 3.19
CA ALA B 214 15.20 8.31 4.10
C ALA B 214 15.98 8.21 5.41
N ASN B 215 17.24 8.64 5.40
CA ASN B 215 18.03 8.69 6.63
C ASN B 215 17.63 9.91 7.44
N GLU B 216 17.06 9.68 8.62
CA GLU B 216 16.45 10.75 9.39
C GLU B 216 17.47 11.73 9.96
N GLN B 217 18.66 11.25 10.27
CA GLN B 217 19.72 12.12 10.75
C GLN B 217 20.15 13.10 9.64
N LEU B 218 20.31 12.58 8.42
CA LEU B 218 20.65 13.42 7.28
C LEU B 218 19.53 14.42 6.98
N ALA B 219 18.28 13.99 7.18
CA ALA B 219 17.14 14.86 6.96
C ALA B 219 17.22 16.09 7.86
N LYS B 220 17.50 15.88 9.14
CA LYS B 220 17.60 16.99 10.09
C LYS B 220 18.79 17.88 9.77
N ARG B 221 19.88 17.27 9.33
CA ARG B 221 21.05 18.02 8.90
C ARG B 221 20.69 18.95 7.74
N TYR B 222 19.91 18.43 6.78
CA TYR B 222 19.51 19.23 5.63
C TYR B 222 18.56 20.35 6.04
N LEU B 223 17.64 20.04 6.94
CA LEU B 223 16.73 21.03 7.47
C LEU B 223 17.50 22.15 8.17
N GLU B 224 18.52 21.77 8.93
CA GLU B 224 19.35 22.74 9.65
C GLU B 224 20.05 23.68 8.69
N LEU B 225 20.42 23.18 7.52
CA LEU B 225 21.08 23.99 6.51
C LEU B 225 20.12 24.86 5.70
N GLY B 226 18.82 24.75 5.96
CA GLY B 226 17.84 25.61 5.31
C GLY B 226 16.92 24.96 4.28
N ALA B 227 16.94 23.64 4.17
CA ALA B 227 16.03 22.96 3.25
C ALA B 227 14.58 23.19 3.68
N LEU B 228 13.69 23.46 2.71
CA LEU B 228 12.31 23.81 3.04
C LEU B 228 11.25 22.77 2.61
N PHE B 229 11.55 21.94 1.61
CA PHE B 229 10.67 20.79 1.37
C PHE B 229 11.45 19.49 1.36
N VAL B 230 11.29 18.74 2.43
CA VAL B 230 12.08 17.55 2.67
C VAL B 230 11.17 16.34 2.82
N ALA B 231 11.27 15.41 1.87
CA ALA B 231 10.56 14.15 1.96
C ALA B 231 11.43 13.19 2.77
N VAL B 232 10.84 12.57 3.79
CA VAL B 232 11.62 11.82 4.77
C VAL B 232 11.37 10.32 4.70
N GLY B 233 10.58 9.87 3.71
CA GLY B 233 10.36 8.46 3.50
C GLY B 233 9.58 8.17 2.23
N VAL B 234 9.46 6.89 1.90
CA VAL B 234 8.76 6.44 0.70
C VAL B 234 7.76 5.36 1.09
N ASP B 235 6.54 5.46 0.59
CA ASP B 235 5.50 4.51 1.01
C ASP B 235 5.88 3.05 0.75
N THR B 236 6.40 2.76 -0.43
CA THR B 236 6.80 1.37 -0.74
C THR B 236 7.87 0.86 0.23
N THR B 237 8.84 1.70 0.55
CA THR B 237 9.91 1.33 1.49
C THR B 237 9.37 1.09 2.89
N LEU B 238 8.57 2.03 3.40
CA LEU B 238 7.98 1.89 4.71
C LEU B 238 7.23 0.57 4.83
N LEU B 239 6.44 0.23 3.81
CA LEU B 239 5.63 -0.98 3.85
C LEU B 239 6.51 -2.23 3.78
N ALA B 240 7.44 -2.25 2.84
CA ALA B 240 8.28 -3.44 2.62
C ALA B 240 9.16 -3.73 3.82
N ARG B 241 9.82 -2.71 4.34
CA ARG B 241 10.76 -2.89 5.45
C ARG B 241 10.03 -3.30 6.73
N ALA B 242 8.86 -2.70 6.99
CA ALA B 242 8.10 -3.05 8.19
C ALA B 242 7.57 -4.48 8.11
N ALA B 243 7.15 -4.90 6.92
CA ALA B 243 6.64 -6.25 6.74
C ALA B 243 7.77 -7.27 6.87
N GLU B 244 8.92 -6.95 6.30
CA GLU B 244 10.08 -7.85 6.35
C GLU B 244 10.56 -8.02 7.78
N ALA B 245 10.69 -6.91 8.51
CA ALA B 245 11.12 -6.95 9.89
C ALA B 245 10.17 -7.81 10.72
N LEU B 246 8.87 -7.59 10.53
CA LEU B 246 7.85 -8.34 11.24
C LEU B 246 7.98 -9.84 11.00
N ALA B 247 8.10 -10.23 9.74
CA ALA B 247 8.22 -11.64 9.39
C ALA B 247 9.46 -12.25 10.05
N ALA B 248 10.56 -11.51 10.02
CA ALA B 248 11.83 -11.99 10.55
C ALA B 248 11.76 -12.26 12.04
N ARG B 249 11.01 -11.43 12.77
CA ARG B 249 10.88 -11.58 14.22
C ARG B 249 10.14 -12.85 14.61
N PHE B 250 9.56 -13.54 13.64
CA PHE B 250 8.87 -14.81 13.89
C PHE B 250 9.54 -15.97 13.17
N GLY B 251 10.72 -15.71 12.60
CA GLY B 251 11.43 -16.71 11.84
C GLY B 251 10.70 -17.07 10.55
#